data_1HUA
# 
_entry.id   1HUA 
# 
_audit_conform.dict_name       mmcif_pdbx.dic 
_audit_conform.dict_version    5.391 
_audit_conform.dict_location   http://mmcif.pdb.org/dictionaries/ascii/mmcif_pdbx.dic 
# 
loop_
_database_2.database_id 
_database_2.database_code 
_database_2.pdbx_database_accession 
_database_2.pdbx_DOI 
PDB   1HUA         pdb_00001hua 10.2210/pdb1hua/pdb 
WWPDB D_1000174022 ?            ?                   
# 
loop_
_pdbx_audit_revision_history.ordinal 
_pdbx_audit_revision_history.data_content_type 
_pdbx_audit_revision_history.major_revision 
_pdbx_audit_revision_history.minor_revision 
_pdbx_audit_revision_history.revision_date 
1 'Structure model' 1 0 1994-11-30 
2 'Structure model' 1 1 2008-03-21 
3 'Structure model' 1 2 2011-07-13 
4 'Structure model' 2 0 2020-07-29 
5 'Structure model' 2 1 2024-05-01 
# 
loop_
_pdbx_audit_revision_details.ordinal 
_pdbx_audit_revision_details.revision_ordinal 
_pdbx_audit_revision_details.data_content_type 
_pdbx_audit_revision_details.provider 
_pdbx_audit_revision_details.type 
_pdbx_audit_revision_details.description 
_pdbx_audit_revision_details.details 
1 1 'Structure model' repository 'Initial release' ?                          ? 
2 4 'Structure model' repository Remediation       'Carbohydrate remediation' ? 
# 
loop_
_pdbx_audit_revision_group.ordinal 
_pdbx_audit_revision_group.revision_ordinal 
_pdbx_audit_revision_group.data_content_type 
_pdbx_audit_revision_group.group 
1  2 'Structure model' 'Version format compliance' 
2  3 'Structure model' 'Non-polymer description'   
3  3 'Structure model' 'Version format compliance' 
4  4 'Structure model' Advisory                    
5  4 'Structure model' 'Atomic model'              
6  4 'Structure model' 'Data collection'           
7  4 'Structure model' 'Database references'       
8  4 'Structure model' 'Derived calculations'      
9  4 'Structure model' Other                       
10 4 'Structure model' 'Structure summary'         
11 5 'Structure model' 'Data collection'           
12 5 'Structure model' 'Database references'       
13 5 'Structure model' 'Structure summary'         
# 
loop_
_pdbx_audit_revision_category.ordinal 
_pdbx_audit_revision_category.revision_ordinal 
_pdbx_audit_revision_category.data_content_type 
_pdbx_audit_revision_category.category 
1  4 'Structure model' atom_site                     
2  4 'Structure model' chem_comp                     
3  4 'Structure model' database_PDB_caveat           
4  4 'Structure model' entity                        
5  4 'Structure model' pdbx_branch_scheme            
6  4 'Structure model' pdbx_chem_comp_identifier     
7  4 'Structure model' pdbx_database_status          
8  4 'Structure model' pdbx_entity_branch            
9  4 'Structure model' pdbx_entity_branch_descriptor 
10 4 'Structure model' pdbx_entity_branch_link       
11 4 'Structure model' pdbx_entity_branch_list       
12 4 'Structure model' pdbx_entity_nonpoly           
13 4 'Structure model' pdbx_nonpoly_scheme           
14 4 'Structure model' pdbx_struct_assembly_gen      
15 4 'Structure model' struct_asym                   
16 4 'Structure model' struct_conn                   
17 4 'Structure model' struct_ref                    
18 4 'Structure model' struct_ref_seq                
19 5 'Structure model' chem_comp                     
20 5 'Structure model' chem_comp_atom                
21 5 'Structure model' chem_comp_bond                
22 5 'Structure model' database_2                    
# 
loop_
_pdbx_audit_revision_item.ordinal 
_pdbx_audit_revision_item.revision_ordinal 
_pdbx_audit_revision_item.data_content_type 
_pdbx_audit_revision_item.item 
1  4 'Structure model' '_atom_site.B_iso_or_equiv'              
2  4 'Structure model' '_atom_site.Cartn_x'                     
3  4 'Structure model' '_atom_site.Cartn_y'                     
4  4 'Structure model' '_atom_site.Cartn_z'                     
5  4 'Structure model' '_atom_site.auth_atom_id'                
6  4 'Structure model' '_atom_site.auth_comp_id'                
7  4 'Structure model' '_atom_site.label_asym_id'               
8  4 'Structure model' '_atom_site.label_atom_id'               
9  4 'Structure model' '_atom_site.label_comp_id'               
10 4 'Structure model' '_atom_site.label_entity_id'             
11 4 'Structure model' '_atom_site.occupancy'                   
12 4 'Structure model' '_atom_site.type_symbol'                 
13 4 'Structure model' '_chem_comp.name'                        
14 4 'Structure model' '_chem_comp.type'                        
15 4 'Structure model' '_pdbx_database_status.process_site'     
16 4 'Structure model' '_pdbx_struct_assembly_gen.asym_id_list' 
17 4 'Structure model' '_struct_conn.pdbx_dist_value'           
18 4 'Structure model' '_struct_conn.pdbx_leaving_atom_flag'    
19 4 'Structure model' '_struct_conn.pdbx_value_order'          
20 4 'Structure model' '_struct_conn.ptnr1_auth_comp_id'        
21 4 'Structure model' '_struct_conn.ptnr1_label_asym_id'       
22 4 'Structure model' '_struct_conn.ptnr1_label_atom_id'       
23 4 'Structure model' '_struct_conn.ptnr1_label_comp_id'       
24 4 'Structure model' '_struct_conn.ptnr2_auth_comp_id'        
25 4 'Structure model' '_struct_conn.ptnr2_label_asym_id'       
26 4 'Structure model' '_struct_conn.ptnr2_label_atom_id'       
27 4 'Structure model' '_struct_conn.ptnr2_label_comp_id'       
28 5 'Structure model' '_chem_comp.pdbx_synonyms'               
29 5 'Structure model' '_database_2.pdbx_DOI'                   
30 5 'Structure model' '_database_2.pdbx_database_accession'    
# 
_database_PDB_caveat.id     1 
_database_PDB_caveat.text   'NGA A 2 HAS WRONG CHIRALITY AT ATOM C4' 
# 
_pdbx_database_status.status_code                     REL 
_pdbx_database_status.entry_id                        1HUA 
_pdbx_database_status.recvd_initial_deposition_date   1994-01-31 
_pdbx_database_status.deposit_site                    ? 
_pdbx_database_status.process_site                    BNL 
_pdbx_database_status.SG_entry                        . 
_pdbx_database_status.status_code_sf                  ? 
_pdbx_database_status.status_code_mr                  ? 
_pdbx_database_status.pdb_format_compatible           Y 
_pdbx_database_status.status_code_cs                  ? 
_pdbx_database_status.status_code_nmr_data            ? 
_pdbx_database_status.methods_development_category    ? 
# 
loop_
_audit_author.name 
_audit_author.pdbx_ordinal 
'Holmbeck, S.M.A.' 1 
'Petillo, P.A.'    2 
'Lerner, L.E.'     3 
# 
_citation.id                        primary 
_citation.title                     'The solution conformation of hyaluronan: a combined NMR and molecular dynamics study.' 
_citation.journal_abbrev            Biochemistry 
_citation.journal_volume            33 
_citation.page_first                14246 
_citation.page_last                 14255 
_citation.year                      1994 
_citation.journal_id_ASTM           BICHAW 
_citation.country                   US 
_citation.journal_id_ISSN           0006-2960 
_citation.journal_id_CSD            0033 
_citation.book_publisher            ? 
_citation.pdbx_database_id_PubMed   7947836 
_citation.pdbx_database_id_DOI      10.1021/bi00251a037 
# 
loop_
_citation_author.citation_id 
_citation_author.name 
_citation_author.ordinal 
_citation_author.identifier_ORCID 
primary 'Holmbeck, S.M.' 1 ? 
primary 'Petillo, P.A.'  2 ? 
primary 'Lerner, L.E.'   3 ? 
# 
_entity.id                         1 
_entity.type                       branched 
_entity.src_method                 man 
_entity.pdbx_description           
'beta-D-glucopyranuronic acid-(1-3)-2-acetamido-2-deoxy-beta-D-galactopyranose-(1-4)-2,6-anhydro-L-gulonic acid' 
_entity.formula_weight             557.457 
_entity.pdbx_number_of_molecules   1 
_entity.pdbx_ec                    ? 
_entity.pdbx_mutation              ? 
_entity.pdbx_fragment              ? 
_entity.details                    ? 
# 
_pdbx_entity_branch.entity_id   1 
_pdbx_entity_branch.type        oligosaccharide 
# 
loop_
_pdbx_entity_branch_descriptor.ordinal 
_pdbx_entity_branch_descriptor.entity_id 
_pdbx_entity_branch_descriptor.descriptor 
_pdbx_entity_branch_descriptor.type 
_pdbx_entity_branch_descriptor.program 
_pdbx_entity_branch_descriptor.program_version 
1 1 'WURCS=2.0/3,3,2/[A1121h_2-6][a2112h-1b_1-5_2*NCC/3=O][a2122A-1b_1-5]/1-2-3/a3-b1_b3-c1' WURCS  PDB2Glycan 1.1.0 
2 1 '[][D-1-deoxy-GlcpA]{[(4+1)][b-D-GalpNAc]{[(3+1)][b-D-GlcpA]{}}}'                        LINUCS PDB-CARE   ?     
# 
loop_
_pdbx_entity_branch_link.link_id 
_pdbx_entity_branch_link.entity_id 
_pdbx_entity_branch_link.entity_branch_list_num_1 
_pdbx_entity_branch_link.comp_id_1 
_pdbx_entity_branch_link.atom_id_1 
_pdbx_entity_branch_link.leaving_atom_id_1 
_pdbx_entity_branch_link.entity_branch_list_num_2 
_pdbx_entity_branch_link.comp_id_2 
_pdbx_entity_branch_link.atom_id_2 
_pdbx_entity_branch_link.leaving_atom_id_2 
_pdbx_entity_branch_link.value_order 
_pdbx_entity_branch_link.details 
1 1 2 NGA C1 O1 1 GC1 O4 HO4 sing ? 
2 1 3 BDP C1 O1 2 NGA O3 HO3 sing ? 
# 
loop_
_chem_comp.id 
_chem_comp.type 
_chem_comp.mon_nstd_flag 
_chem_comp.name 
_chem_comp.pdbx_synonyms 
_chem_comp.formula 
_chem_comp.formula_weight 
BDP 'D-saccharide, beta linking' . 'beta-D-glucopyranuronic acid'             
'beta-D-glucuronic acid; D-glucuronic acid; glucuronic acid' 'C6 H10 O7'   194.139 
GC1 D-saccharide                 . '2,6-anhydro-L-gulonic acid'               '1-deoxy-D-glucuronic acid' 'C6 H10 O6'   178.140 
NGA 'D-saccharide, beta linking' . 2-acetamido-2-deoxy-beta-D-galactopyranose 
;N-acetyl-beta-D-galactosamine; 2-acetamido-2-deoxy-beta-D-galactose; 2-acetamido-2-deoxy-D-galactose; 2-acetamido-2-deoxy-galactose; N-ACETYL-D-GALACTOSAMINE
;
'C8 H15 N O6' 221.208 
# 
loop_
_pdbx_chem_comp_identifier.comp_id 
_pdbx_chem_comp_identifier.type 
_pdbx_chem_comp_identifier.program 
_pdbx_chem_comp_identifier.program_version 
_pdbx_chem_comp_identifier.identifier 
BDP 'CONDENSED IUPAC CARBOHYDRATE SYMBOL' GMML     1.0 DGlcpAb                          
BDP 'COMMON NAME'                         GMML     1.0 'b-D-glucopyranuronic acid'      
BDP 'IUPAC CARBOHYDRATE SYMBOL'           PDB-CARE 1.0 b-D-GlcpA                        
BDP 'SNFG CARBOHYDRATE SYMBOL'            GMML     1.0 GlcA                             
NGA 'CONDENSED IUPAC CARBOHYDRATE SYMBOL' GMML     1.0 DGalpNAcb                        
NGA 'COMMON NAME'                         GMML     1.0 N-acetyl-b-D-galactopyranosamine 
NGA 'IUPAC CARBOHYDRATE SYMBOL'           PDB-CARE 1.0 b-D-GalpNAc                      
NGA 'SNFG CARBOHYDRATE SYMBOL'            GMML     1.0 GalNAc                           
# 
loop_
_pdbx_branch_scheme.asym_id 
_pdbx_branch_scheme.entity_id 
_pdbx_branch_scheme.mon_id 
_pdbx_branch_scheme.num 
_pdbx_branch_scheme.pdb_asym_id 
_pdbx_branch_scheme.pdb_mon_id 
_pdbx_branch_scheme.pdb_seq_num 
_pdbx_branch_scheme.auth_asym_id 
_pdbx_branch_scheme.auth_mon_id 
_pdbx_branch_scheme.auth_seq_num 
_pdbx_branch_scheme.hetero 
A 1 GC1 1 A GC1 1 ? NAG 2 n 
A 1 NGA 2 A NGA 2 ? NAG 2 n 
A 1 BDP 3 A BDP 3 ? GCU 1 n 
# 
_cell.entry_id           1HUA 
_cell.length_a           1.000 
_cell.length_b           1.000 
_cell.length_c           1.000 
_cell.angle_alpha        90.00 
_cell.angle_beta         90.00 
_cell.angle_gamma        90.00 
_cell.Z_PDB              1 
_cell.pdbx_unique_axis   ? 
# 
_symmetry.entry_id                         1HUA 
_symmetry.space_group_name_H-M             'P 1' 
_symmetry.pdbx_full_space_group_name_H-M   ? 
_symmetry.cell_setting                     ? 
_symmetry.Int_Tables_number                1 
# 
_exptl.entry_id          1HUA 
_exptl.method            'SOLUTION NMR' 
_exptl.crystals_number   ? 
# 
_struct.entry_id                  1HUA 
_struct.title                     'THE SOLUTION CONFORMATION OF HYALURONAN: A COMBINED NMR AND MOLECULAR DYNAMICS STUDY' 
_struct.pdbx_model_details        ? 
_struct.pdbx_CASP_flag            ? 
_struct.pdbx_model_type_details   ? 
# 
_struct_keywords.entry_id        1HUA 
_struct_keywords.pdbx_keywords   'TEXTURE OF CONNECTIVE TISSUE' 
_struct_keywords.text            'TEXTURE OF CONNECTIVE TISSUE' 
# 
_struct_asym.id                            A 
_struct_asym.pdbx_blank_PDB_chainid_flag   Y 
_struct_asym.pdbx_modified                 N 
_struct_asym.entity_id                     1 
_struct_asym.details                       ? 
# 
_pdbx_struct_assembly.id                   1 
_pdbx_struct_assembly.details              author_defined_assembly 
_pdbx_struct_assembly.method_details       ? 
_pdbx_struct_assembly.oligomeric_details   monomeric 
_pdbx_struct_assembly.oligomeric_count     1 
# 
_pdbx_struct_assembly_gen.assembly_id       1 
_pdbx_struct_assembly_gen.oper_expression   1 
_pdbx_struct_assembly_gen.asym_id_list      A 
# 
_pdbx_struct_oper_list.id                   1 
_pdbx_struct_oper_list.type                 'identity operation' 
_pdbx_struct_oper_list.name                 1_555 
_pdbx_struct_oper_list.symmetry_operation   x,y,z 
_pdbx_struct_oper_list.matrix[1][1]         1.0000000000 
_pdbx_struct_oper_list.matrix[1][2]         0.0000000000 
_pdbx_struct_oper_list.matrix[1][3]         0.0000000000 
_pdbx_struct_oper_list.vector[1]            0.0000000000 
_pdbx_struct_oper_list.matrix[2][1]         0.0000000000 
_pdbx_struct_oper_list.matrix[2][2]         1.0000000000 
_pdbx_struct_oper_list.matrix[2][3]         0.0000000000 
_pdbx_struct_oper_list.vector[2]            0.0000000000 
_pdbx_struct_oper_list.matrix[3][1]         0.0000000000 
_pdbx_struct_oper_list.matrix[3][2]         0.0000000000 
_pdbx_struct_oper_list.matrix[3][3]         1.0000000000 
_pdbx_struct_oper_list.vector[3]            0.0000000000 
# 
_struct_biol.id   1 
# 
loop_
_struct_conn.id 
_struct_conn.conn_type_id 
_struct_conn.pdbx_leaving_atom_flag 
_struct_conn.pdbx_PDB_id 
_struct_conn.ptnr1_label_asym_id 
_struct_conn.ptnr1_label_comp_id 
_struct_conn.ptnr1_label_seq_id 
_struct_conn.ptnr1_label_atom_id 
_struct_conn.pdbx_ptnr1_label_alt_id 
_struct_conn.pdbx_ptnr1_PDB_ins_code 
_struct_conn.pdbx_ptnr1_standard_comp_id 
_struct_conn.ptnr1_symmetry 
_struct_conn.ptnr2_label_asym_id 
_struct_conn.ptnr2_label_comp_id 
_struct_conn.ptnr2_label_seq_id 
_struct_conn.ptnr2_label_atom_id 
_struct_conn.pdbx_ptnr2_label_alt_id 
_struct_conn.pdbx_ptnr2_PDB_ins_code 
_struct_conn.ptnr1_auth_asym_id 
_struct_conn.ptnr1_auth_comp_id 
_struct_conn.ptnr1_auth_seq_id 
_struct_conn.ptnr2_auth_asym_id 
_struct_conn.ptnr2_auth_comp_id 
_struct_conn.ptnr2_auth_seq_id 
_struct_conn.ptnr2_symmetry 
_struct_conn.pdbx_ptnr3_label_atom_id 
_struct_conn.pdbx_ptnr3_label_seq_id 
_struct_conn.pdbx_ptnr3_label_comp_id 
_struct_conn.pdbx_ptnr3_label_asym_id 
_struct_conn.pdbx_ptnr3_label_alt_id 
_struct_conn.pdbx_ptnr3_PDB_ins_code 
_struct_conn.details 
_struct_conn.pdbx_dist_value 
_struct_conn.pdbx_value_order 
_struct_conn.pdbx_role 
covale1 covale both ? A GC1 . O4 ? ? ? 1_555 A NGA . C1 ? ? A GC1 1 A NGA 2 1_555 ? ? ? ? ? ? ? 1.429 sing ? 
covale2 covale both ? A NGA . O3 ? ? ? 1_555 A BDP . C1 ? ? A NGA 2 A BDP 3 1_555 ? ? ? ? ? ? ? 1.425 sing ? 
# 
_struct_conn_type.id          covale 
_struct_conn_type.criteria    ? 
_struct_conn_type.reference   ? 
# 
_pdbx_validate_chiral.id              1 
_pdbx_validate_chiral.PDB_model_num   2 
_pdbx_validate_chiral.auth_atom_id    C4 
_pdbx_validate_chiral.label_alt_id    ? 
_pdbx_validate_chiral.auth_asym_id    A 
_pdbx_validate_chiral.auth_comp_id    NGA 
_pdbx_validate_chiral.auth_seq_id     2 
_pdbx_validate_chiral.PDB_ins_code    ? 
_pdbx_validate_chiral.details         'WRONG HAND' 
_pdbx_validate_chiral.omega           . 
# 
_pdbx_nmr_ensemble.entry_id                             1HUA 
_pdbx_nmr_ensemble.conformers_calculated_total_number   ? 
_pdbx_nmr_ensemble.conformers_submitted_total_number    2 
_pdbx_nmr_ensemble.conformer_selection_criteria         ? 
# 
loop_
_chem_comp_atom.comp_id 
_chem_comp_atom.atom_id 
_chem_comp_atom.type_symbol 
_chem_comp_atom.pdbx_aromatic_flag 
_chem_comp_atom.pdbx_stereo_config 
_chem_comp_atom.pdbx_ordinal 
BDP C1   C N R 1  
BDP C2   C N R 2  
BDP C3   C N S 3  
BDP C4   C N S 4  
BDP C5   C N S 5  
BDP C6   C N N 6  
BDP O2   O N N 7  
BDP O3   O N N 8  
BDP O4   O N N 9  
BDP O5   O N N 10 
BDP O6A  O N N 11 
BDP O1   O N N 12 
BDP O6B  O N N 13 
BDP H1   H N N 14 
BDP H2   H N N 15 
BDP H3   H N N 16 
BDP H4   H N N 17 
BDP H5   H N N 18 
BDP HO2  H N N 19 
BDP HO3  H N N 20 
BDP HO4  H N N 21 
BDP HO1  H N N 22 
BDP HO6B H N N 23 
GC1 O4   O N N 24 
GC1 C1   C N N 25 
GC1 C2   C N N 26 
GC1 C3   C N N 27 
GC1 C4   C N N 28 
GC1 C5   C N N 29 
GC1 C6   C N N 30 
GC1 O2   O N N 31 
GC1 O3   O N N 32 
GC1 O5   O N N 33 
GC1 O6B  O N N 34 
GC1 O6A  O N N 35 
GC1 H1A  H N N 36 
GC1 H2   H N N 37 
GC1 H3   H N N 38 
GC1 H4   H N N 39 
GC1 H5   H N N 40 
GC1 H1   H N N 41 
GC1 HO4  H N N 42 
GC1 HO2  H N N 43 
GC1 HO3  H N N 44 
GC1 HO6B H N N 45 
NGA C1   C N R 46 
NGA C2   C N R 47 
NGA C3   C N R 48 
NGA C4   C N R 49 
NGA C5   C N R 50 
NGA C6   C N N 51 
NGA C7   C N N 52 
NGA C8   C N N 53 
NGA N2   N N N 54 
NGA O1   O N N 55 
NGA O3   O N N 56 
NGA O4   O N N 57 
NGA O5   O N N 58 
NGA O6   O N N 59 
NGA O7   O N N 60 
NGA H1   H N N 61 
NGA H2   H N N 62 
NGA H3   H N N 63 
NGA H4   H N N 64 
NGA H5   H N N 65 
NGA H61  H N N 66 
NGA H62  H N N 67 
NGA H81  H N N 68 
NGA H82  H N N 69 
NGA H83  H N N 70 
NGA HN2  H N N 71 
NGA HO1  H N N 72 
NGA HO3  H N N 73 
NGA HO4  H N N 74 
NGA HO6  H N N 75 
# 
loop_
_chem_comp_bond.comp_id 
_chem_comp_bond.atom_id_1 
_chem_comp_bond.atom_id_2 
_chem_comp_bond.value_order 
_chem_comp_bond.pdbx_aromatic_flag 
_chem_comp_bond.pdbx_stereo_config 
_chem_comp_bond.pdbx_ordinal 
BDP C1  C2   sing N N 1  
BDP C1  O5   sing N N 2  
BDP C1  O1   sing N N 3  
BDP C1  H1   sing N N 4  
BDP C2  C3   sing N N 5  
BDP C2  O2   sing N N 6  
BDP C2  H2   sing N N 7  
BDP C3  C4   sing N N 8  
BDP C3  O3   sing N N 9  
BDP C3  H3   sing N N 10 
BDP C4  C5   sing N N 11 
BDP C4  O4   sing N N 12 
BDP C4  H4   sing N N 13 
BDP C5  C6   sing N N 14 
BDP C5  O5   sing N N 15 
BDP C5  H5   sing N N 16 
BDP C6  O6A  doub N N 17 
BDP C6  O6B  sing N N 18 
BDP O2  HO2  sing N N 19 
BDP O3  HO3  sing N N 20 
BDP O4  HO4  sing N N 21 
BDP O1  HO1  sing N N 22 
BDP O6B HO6B sing N N 23 
GC1 O4  C4   sing N N 24 
GC1 O4  HO4  sing N N 25 
GC1 C1  C2   sing N N 26 
GC1 C1  H1   sing N N 27 
GC1 C1  H1A  sing N N 28 
GC1 C1  O5   sing N N 29 
GC1 C2  O2   sing N N 30 
GC1 C2  H2   sing N N 31 
GC1 C2  C3   sing N N 32 
GC1 C3  O3   sing N N 33 
GC1 C3  H3   sing N N 34 
GC1 C3  C4   sing N N 35 
GC1 C4  H4   sing N N 36 
GC1 C4  C5   sing N N 37 
GC1 C5  O5   sing N N 38 
GC1 C5  H5   sing N N 39 
GC1 C5  C6   sing N N 40 
GC1 C6  O6A  doub N N 41 
GC1 C6  O6B  sing N N 42 
GC1 O2  HO2  sing N N 43 
GC1 O3  HO3  sing N N 44 
GC1 O6B HO6B sing N N 45 
NGA C1  C2   sing N N 46 
NGA C1  O1   sing N N 47 
NGA C1  O5   sing N N 48 
NGA C1  H1   sing N N 49 
NGA C2  C3   sing N N 50 
NGA C2  N2   sing N N 51 
NGA C2  H2   sing N N 52 
NGA C3  C4   sing N N 53 
NGA C3  O3   sing N N 54 
NGA C3  H3   sing N N 55 
NGA C4  C5   sing N N 56 
NGA C4  O4   sing N N 57 
NGA C4  H4   sing N N 58 
NGA C5  C6   sing N N 59 
NGA C5  O5   sing N N 60 
NGA C5  H5   sing N N 61 
NGA C6  O6   sing N N 62 
NGA C6  H61  sing N N 63 
NGA C6  H62  sing N N 64 
NGA C7  C8   sing N N 65 
NGA C7  N2   sing N N 66 
NGA C7  O7   doub N N 67 
NGA C8  H81  sing N N 68 
NGA C8  H82  sing N N 69 
NGA C8  H83  sing N N 70 
NGA N2  HN2  sing N N 71 
NGA O1  HO1  sing N N 72 
NGA O3  HO3  sing N N 73 
NGA O4  HO4  sing N N 74 
NGA O6  HO6  sing N N 75 
# 
loop_
_pdbx_entity_branch_list.entity_id 
_pdbx_entity_branch_list.comp_id 
_pdbx_entity_branch_list.num 
_pdbx_entity_branch_list.hetero 
1 GC1 1 n 
1 NGA 2 n 
1 BDP 3 n 
# 
_atom_sites.entry_id                    1HUA 
_atom_sites.fract_transf_matrix[1][1]   1.000000 
_atom_sites.fract_transf_matrix[1][2]   0.000000 
_atom_sites.fract_transf_matrix[1][3]   0.000000 
_atom_sites.fract_transf_matrix[2][1]   0.000000 
_atom_sites.fract_transf_matrix[2][2]   1.000000 
_atom_sites.fract_transf_matrix[2][3]   0.000000 
_atom_sites.fract_transf_matrix[3][1]   0.000000 
_atom_sites.fract_transf_matrix[3][2]   0.000000 
_atom_sites.fract_transf_matrix[3][3]   1.000000 
_atom_sites.fract_transf_vector[1]      0.00000 
_atom_sites.fract_transf_vector[2]      0.00000 
_atom_sites.fract_transf_vector[3]      0.00000 
# 
loop_
_atom_type.symbol 
C 
H 
N 
O 
# 
loop_
_atom_site.group_PDB 
_atom_site.id 
_atom_site.type_symbol 
_atom_site.label_atom_id 
_atom_site.label_alt_id 
_atom_site.label_comp_id 
_atom_site.label_asym_id 
_atom_site.label_entity_id 
_atom_site.label_seq_id 
_atom_site.pdbx_PDB_ins_code 
_atom_site.Cartn_x 
_atom_site.Cartn_y 
_atom_site.Cartn_z 
_atom_site.occupancy 
_atom_site.B_iso_or_equiv 
_atom_site.pdbx_formal_charge 
_atom_site.auth_seq_id 
_atom_site.auth_comp_id 
_atom_site.auth_asym_id 
_atom_site.auth_atom_id 
_atom_site.pdbx_PDB_model_num 
HETATM 1   O O4  . GC1 A 1 . ? 2.053  1.549  -0.109 1.00 -0.34 ? 1 GC1 A O4  1 
HETATM 2   C C1  . GC1 A 1 . ? 4.181  4.564  -1.959 0.17 0.17  ? 1 GC1 A C1  1 
HETATM 3   C C2  . GC1 A 1 . ? 2.691  4.881  -1.815 0.17 0.17  ? 1 GC1 A C2  1 
HETATM 4   C C3  . GC1 A 1 . ? 2.029  3.908  -0.818 0.17 0.17  ? 1 GC1 A C3  1 
HETATM 5   C C4  . GC1 A 1 . ? 2.386  2.450  -1.174 0.17 0.17  ? 1 GC1 A C4  1 
HETATM 6   C C5  . GC1 A 1 . ? 3.907  2.302  -1.364 0.31 0.31  ? 1 GC1 A C5  1 
HETATM 7   C C6  . GC1 A 1 . ? 4.246  0.868  -1.790 0.15 0.15  ? 1 GC1 A C6  1 
HETATM 8   O O2  . GC1 A 1 . ? 2.582  6.221  -1.325 1.00 -0.54 ? 1 GC1 A O2  1 
HETATM 9   O O3  . GC1 A 1 . ? 0.611  4.074  -0.954 1.00 -0.54 ? 1 GC1 A O3  1 
HETATM 10  O O5  . GC1 A 1 . ? 4.347  3.214  -2.372 1.00 -0.34 ? 1 GC1 A O5  1 
HETATM 11  O O6B . GC1 A 1 . ? 4.850  0.102  -0.864 1.00 -0.12 ? 1 GC1 A O6B 1 
HETATM 12  O O6A . GC1 A 1 . ? 4.004  0.427  -2.894 1.00 -0.32 ? 1 GC1 A O6A 1 
HETATM 13  H H1A . GC1 A 1 . ? 4.727  4.743  -1.008 1.00 0.00  ? 1 GC1 A H1A 1 
HETATM 14  H H2  . GC1 A 1 . ? 2.205  4.795  -2.815 1.00 0.00  ? 1 GC1 A H2  1 
HETATM 15  H H3  . GC1 A 1 . ? 2.366  4.136  0.219  1.00 0.00  ? 1 GC1 A H3  1 
HETATM 16  H H4  . GC1 A 1 . ? 1.873  2.148  -2.116 1.00 0.00  ? 1 GC1 A H4  1 
HETATM 17  H H5  . GC1 A 1 . ? 4.432  2.520  -0.407 1.00 0.00  ? 1 GC1 A H5  1 
HETATM 18  H H1  . GC1 A 1 . ? 4.640  5.227  -2.724 1.00 0.00  ? 1 GC1 A H1  1 
HETATM 19  C C1  . NGA A 1 . ? 0.661  1.317  0.113  0.34 0.34  ? 2 NGA A C1  1 
HETATM 20  C C2  . NGA A 1 . ? 0.489  -0.153 0.561  0.24 0.24  ? 2 NGA A C2  1 
HETATM 21  C C3  . NGA A 1 . ? -0.986 -0.350 0.952  0.17 0.17  ? 2 NGA A C3  1 
HETATM 22  C C4  . NGA A 1 . ? -1.392 0.672  2.028  0.17 0.17  ? 2 NGA A C4  1 
HETATM 23  C C5  . NGA A 1 . ? -1.102 2.094  1.512  0.17 0.17  ? 2 NGA A C5  1 
HETATM 24  C C6  . NGA A 1 . ? -1.410 3.153  2.583  0.17 0.17  ? 2 NGA A C6  1 
HETATM 25  C C7  . NGA A 1 . ? 1.804  -2.119 -0.262 0.07 0.07  ? 2 NGA A C7  1 
HETATM 26  C C8  . NGA A 1 . ? 2.113  -2.998 -1.465 0.14 0.14  ? 2 NGA A C8  1 
HETATM 27  N N2  . NGA A 1 . ? 0.898  -1.096 -0.496 1.00 -0.45 ? 2 NGA A N2  1 
HETATM 28  O O3  . NGA A 1 . ? -1.195 -1.667 1.486  1.00 -0.34 ? 2 NGA A O3  1 
HETATM 29  O O4  . NGA A 1 . ? -0.647 0.469  3.229  1.00 -0.54 ? 2 NGA A O4  1 
HETATM 30  O O5  . NGA A 1 . ? 0.285  2.190  1.172  1.00 -0.34 ? 2 NGA A O5  1 
HETATM 31  O O6  . NGA A 1 . ? -1.432 4.452  2.000  1.00 -0.54 ? 2 NGA A O6  1 
HETATM 32  O O7  . NGA A 1 . ? 2.315  -2.310 0.815  1.00 -0.32 ? 2 NGA A O7  1 
HETATM 33  H H1  . NGA A 1 . ? 0.066  1.511  -0.806 1.00 0.00  ? 2 NGA A H1  1 
HETATM 34  H H2  . NGA A 1 . ? 1.112  -0.304 1.473  1.00 0.00  ? 2 NGA A H2  1 
HETATM 35  H H3  . NGA A 1 . ? -1.624 -0.191 0.054  1.00 0.00  ? 2 NGA A H3  1 
HETATM 36  H H4  . NGA A 1 . ? -2.483 0.577  2.241  1.00 0.00  ? 2 NGA A H4  1 
HETATM 37  H H5  . NGA A 1 . ? -1.730 2.295  0.614  1.00 0.00  ? 2 NGA A H5  1 
HETATM 38  H H61 . NGA A 1 . ? -2.403 2.950  3.040  1.00 0.00  ? 2 NGA A H61 1 
HETATM 39  H H62 . NGA A 1 . ? -0.655 3.122  3.398  1.00 0.00  ? 2 NGA A H62 1 
HETATM 40  H H81 . NGA A 1 . ? 2.844  -3.795 -1.201 1.00 0.00  ? 2 NGA A H81 1 
HETATM 41  H H82 . NGA A 1 . ? 1.191  -3.495 -1.840 1.00 0.00  ? 2 NGA A H82 1 
HETATM 42  H H83 . NGA A 1 . ? 2.549  -2.397 -2.294 1.00 0.00  ? 2 NGA A H83 1 
HETATM 43  H HN2 . NGA A 1 . ? 0.514  -0.995 -1.448 0.32 0.32  ? 2 NGA A HN2 1 
HETATM 44  C C1  . BDP A 1 . ? -1.951 -2.509 0.620  0.34 0.34  ? 3 BDP A C1  1 
HETATM 45  C C2  . BDP A 1 . ? -1.837 -3.959 1.132  0.17 0.17  ? 3 BDP A C2  1 
HETATM 46  C C3  . BDP A 1 . ? -2.838 -4.858 0.378  0.17 0.17  ? 3 BDP A C3  1 
HETATM 47  C C4  . BDP A 1 . ? -4.249 -4.241 0.410  0.17 0.17  ? 3 BDP A C4  1 
HETATM 48  C C5  . BDP A 1 . ? -4.189 -2.787 -0.083 0.31 0.31  ? 3 BDP A C5  1 
HETATM 49  C C6  . BDP A 1 . ? -5.580 -2.142 -0.019 0.15 0.15  ? 3 BDP A C6  1 
HETATM 50  O O2  . BDP A 1 . ? -0.522 -4.464 0.860  1.00 -0.54 ? 3 BDP A O2  1 
HETATM 51  O O3  . BDP A 1 . ? -2.903 -6.127 1.033  1.00 -0.54 ? 3 BDP A O3  1 
HETATM 52  O O4  . BDP A 1 . ? -5.107 -4.973 -0.470 1.00 -0.54 ? 3 BDP A O4  1 
HETATM 53  O O5  . BDP A 1 . ? -3.294 -2.064 0.761  1.00 -0.34 ? 3 BDP A O5  1 
HETATM 54  O O6A . BDP A 1 . ? -6.188 -1.925 -1.199 1.00 -0.12 ? 3 BDP A O6A 1 
HETATM 55  O O6B . BDP A 1 . ? -6.114 -1.818 1.022  1.00 -0.32 ? 3 BDP A O6B 1 
HETATM 56  H H1  . BDP A 1 . ? -1.599 -2.424 -0.432 1.00 0.00  ? 3 BDP A H1  1 
HETATM 57  H H2  . BDP A 1 . ? -2.051 -3.996 2.225  1.00 0.00  ? 3 BDP A H2  1 
HETATM 58  H H3  . BDP A 1 . ? -2.513 -4.985 -0.681 1.00 0.00  ? 3 BDP A H3  1 
HETATM 59  H H4  . BDP A 1 . ? -4.653 -4.266 1.448  1.00 0.00  ? 3 BDP A H4  1 
HETATM 60  H H5  . BDP A 1 . ? -3.829 -2.751 -1.136 1.00 0.00  ? 3 BDP A H5  1 
HETATM 61  O O4  . GC1 A 1 . ? 1.644  1.938  0.231  1.00 -0.34 ? 1 GC1 A O4  2 
HETATM 62  C C1  . GC1 A 1 . ? 2.972  5.719  -0.808 0.17 0.17  ? 1 GC1 A C1  2 
HETATM 63  C C2  . GC1 A 1 . ? 2.745  5.508  0.693  0.17 0.17  ? 1 GC1 A C2  2 
HETATM 64  C C3  . GC1 A 1 . ? 2.622  4.003  0.997  0.17 0.17  ? 1 GC1 A C3  2 
HETATM 65  C C4  . GC1 A 1 . ? 1.570  3.366  0.067  0.17 0.17  ? 1 GC1 A C4  2 
HETATM 66  C C5  . GC1 A 1 . ? 1.906  3.694  -1.397 0.31 0.31  ? 1 GC1 A C5  2 
HETATM 67  C C6  . GC1 A 1 . ? 0.853  3.101  -2.342 0.15 0.15  ? 1 GC1 A C6  2 
HETATM 68  O O2  . GC1 A 1 . ? 3.876  6.051  1.379  1.00 -0.54 ? 1 GC1 A O2  2 
HETATM 69  O O3  . GC1 A 1 . ? 2.186  3.872  2.354  1.00 -0.54 ? 1 GC1 A O3  2 
HETATM 70  O O5  . GC1 A 1 . ? 1.919  5.116  -1.551 1.00 -0.34 ? 1 GC1 A O5  2 
HETATM 71  O O6B . GC1 A 1 . ? 1.272  2.108  -3.148 1.00 -0.12 ? 1 GC1 A O6B 2 
HETATM 72  O O6A . GC1 A 1 . ? -0.294 3.491  -2.388 1.00 -0.32 ? 1 GC1 A O6A 2 
HETATM 73  H H1A . GC1 A 1 . ? 3.951  5.303  -1.131 1.00 0.00  ? 1 GC1 A H1A 2 
HETATM 74  H H2  . GC1 A 1 . ? 1.817  6.041  1.002  1.00 0.00  ? 1 GC1 A H2  2 
HETATM 75  H H3  . GC1 A 1 . ? 3.610  3.510  0.853  1.00 0.00  ? 1 GC1 A H3  2 
HETATM 76  H H4  . GC1 A 1 . ? 0.560  3.758  0.324  1.00 0.00  ? 1 GC1 A H4  2 
HETATM 77  H H5  . GC1 A 1 . ? 2.902  3.275  -1.666 1.00 0.00  ? 1 GC1 A H5  2 
HETATM 78  H H1  . GC1 A 1 . ? 2.992  6.806  -1.040 1.00 0.00  ? 1 GC1 A H1  2 
HETATM 79  C C1  . NGA A 1 . ? 0.392  1.325  0.539  0.34 0.34  ? 2 NGA A C1  2 
HETATM 80  C C2  . NGA A 1 . ? 0.546  -0.207 0.428  0.24 0.24  ? 2 NGA A C2  2 
HETATM 81  C C3  . NGA A 1 . ? -0.751 -0.876 0.929  0.17 0.17  ? 2 NGA A C3  2 
HETATM 82  C C4  . NGA A 1 . ? -1.122 -0.343 2.326  0.17 0.17  ? 2 NGA A C4  2 
HETATM 83  C C5  . NGA A 1 . ? -1.158 1.195  2.318  0.17 0.17  ? 2 NGA A C5  2 
HETATM 84  C C6  . NGA A 1 . ? -1.409 1.755  3.728  0.17 0.17  ? 2 NGA A C6  2 
HETATM 85  C C7  . NGA A 1 . ? 2.097  -1.204 -1.266 0.07 0.07  ? 2 NGA A C7  2 
HETATM 86  C C8  . NGA A 1 . ? 2.271  -1.591 -2.727 0.14 0.14  ? 2 NGA A C8  2 
HETATM 87  N N2  . NGA A 1 . ? 0.877  -0.628 -0.945 1.00 -0.45 ? 2 NGA A N2  2 
HETATM 88  O O3  . NGA A 1 . ? -0.507 -2.287 1.058  1.00 -0.34 ? 2 NGA A O3  2 
HETATM 89  O O4  . NGA A 1 . ? -2.432 -0.797 2.670  1.00 -0.54 ? 2 NGA A O4  2 
HETATM 90  O O5  . NGA A 1 . ? 0.121  1.661  1.893  1.00 -0.34 ? 2 NGA A O5  2 
HETATM 91  O O6  . NGA A 1 . ? -1.601 3.165  3.693  1.00 -0.54 ? 2 NGA A O6  2 
HETATM 92  O O7  . NGA A 1 . ? 2.968  -1.394 -0.450 1.00 -0.32 ? 2 NGA A O7  2 
HETATM 93  H H1  . NGA A 1 . ? -0.408 1.688  -0.142 1.00 0.00  ? 2 NGA A H1  2 
HETATM 94  H H2  . NGA A 1 . ? 1.362  -0.508 1.128  1.00 0.00  ? 2 NGA A H2  2 
HETATM 95  H H3  . NGA A 1 . ? -1.584 -0.672 0.218  1.00 0.00  ? 2 NGA A H3  2 
HETATM 96  H H4  . NGA A 1 . ? -0.381 -0.693 3.080  1.00 0.00  ? 2 NGA A H4  2 
HETATM 97  H H5  . NGA A 1 . ? -1.954 1.559  1.629  1.00 0.00  ? 2 NGA A H5  2 
HETATM 98  H H61 . NGA A 1 . ? -2.323 1.297  4.164  1.00 0.00  ? 2 NGA A H61 2 
HETATM 99  H H62 . NGA A 1 . ? -0.569 1.505  4.413  1.00 0.00  ? 2 NGA A H62 2 
HETATM 100 H H81 . NGA A 1 . ? 1.491  -2.322 -3.037 1.00 0.00  ? 2 NGA A H81 2 
HETATM 101 H H82 . NGA A 1 . ? 2.196  -0.698 -3.387 1.00 0.00  ? 2 NGA A H82 2 
HETATM 102 H H83 . NGA A 1 . ? 3.264  -2.060 -2.901 1.00 0.00  ? 2 NGA A H83 2 
HETATM 103 H HN2 . NGA A 1 . ? 0.194  -0.482 -1.704 0.32 0.32  ? 2 NGA A HN2 2 
HETATM 104 C C1  . BDP A 1 . ? -1.128 -3.065 0.037  0.34 0.34  ? 3 BDP A C1  2 
HETATM 105 C C2  . BDP A 1 . ? -0.477 -4.462 0.028  0.17 0.17  ? 3 BDP A C2  2 
HETATM 106 C C3  . BDP A 1 . ? -1.285 -5.406 -0.887 0.17 0.17  ? 3 BDP A C3  2 
HETATM 107 C C4  . BDP A 1 . ? -2.780 -5.364 -0.520 0.17 0.17  ? 3 BDP A C4  2 
HETATM 108 C C5  . BDP A 1 . ? -3.269 -3.907 -0.503 0.31 0.31  ? 3 BDP A C5  2 
HETATM 109 C C6  . BDP A 1 . ? -4.746 -3.844 -0.094 0.15 0.15  ? 3 BDP A C6  2 
HETATM 110 O O2  . BDP A 1 . ? 0.847  -4.372 -0.518 1.00 -0.54 ? 3 BDP A O2  2 
HETATM 111 O O3  . BDP A 1 . ? -0.827 -6.746 -0.687 1.00 -0.54 ? 3 BDP A O3  2 
HETATM 112 O O4  . BDP A 1 . ? -3.532 -6.073 -1.510 1.00 -0.54 ? 3 BDP A O4  2 
HETATM 113 O O5  . BDP A 1 . ? -2.485 -3.183 0.445  1.00 -0.34 ? 3 BDP A O5  2 
HETATM 114 O O6A . BDP A 1 . ? -5.618 -3.523 -1.068 1.00 -0.12 ? 3 BDP A O6A 2 
HETATM 115 O O6B . BDP A 1 . ? -5.133 -4.046 1.038  1.00 -0.32 ? 3 BDP A O6B 2 
HETATM 116 H H1  . BDP A 1 . ? -1.042 -2.573 -0.955 1.00 0.00  ? 3 BDP A H1  2 
HETATM 117 H H2  . BDP A 1 . ? -0.446 -4.878 1.061  1.00 0.00  ? 3 BDP A H2  2 
HETATM 118 H H3  . BDP A 1 . ? -1.156 -5.107 -1.952 1.00 0.00  ? 3 BDP A H3  2 
HETATM 119 H H4  . BDP A 1 . ? -2.941 -5.822 0.483  1.00 0.00  ? 3 BDP A H4  2 
HETATM 120 H H5  . BDP A 1 . ? -3.159 -3.452 -1.513 1.00 0.00  ? 3 BDP A H5  2 
# 
